data_4DIG
#
_entry.id   4DIG
#
_cell.length_a   62.550
_cell.length_b   49.951
_cell.length_c   65.129
_cell.angle_alpha   90.00
_cell.angle_beta   107.03
_cell.angle_gamma   90.00
#
_symmetry.space_group_name_H-M   'P 1 21 1'
#
loop_
_entity.id
_entity.type
_entity.pdbx_description
1 polymer Lactotransferrin
2 polymer 'C-terminal peptide from Lactotransferrin'
3 branched 2-acetamido-2-deoxy-beta-D-glucopyranose-(1-4)-2-acetamido-2-deoxy-beta-D-glucopyranose
4 non-polymer 2-acetamido-2-deoxy-beta-D-glucopyranose
5 non-polymer 'FE (III) ION'
6 non-polymer 'ZINC ION'
7 non-polymer 'CARBONATE ION'
8 non-polymer 'SULFATE ION'
9 non-polymer D-GLUTAMINE
10 non-polymer ALANINE
11 non-polymer 'LACTIC ACID'
12 non-polymer 2-acetamido-2-deoxy-alpha-D-glucopyranose
13 water water
#
loop_
_entity_poly.entity_id
_entity_poly.type
_entity_poly.pdbx_seq_one_letter_code
_entity_poly.pdbx_strand_id
1 'polypeptide(L)'
;YTRVVWCAVGPEEQKKCQQWSQQSGQNVTCATASTTDDCIVLVLKGEADALNLDGGYIYTAGKCGLVPVLAENRKSSKHS
SLDCVLRPTEGYLAVAVVKKANEGLTWNSLKDKKSCHTAVDRTAGWNIPMGLIVNQTGSCAFDEFFSQSCAPGADPKSRL
CALCAGDDQGLDKCVPNSKEKYYGYTGAFRCLAEDVGDVAFVKNDTVWENTNGESTADWAKNLKREDFRLLCLDGTRKPV
TEAQSCHLAVAPNHAVVSRSDRAAHVEQVLLHQQALFGKNGKNCPDKFCLFKSETKNLLFNDNTECLAKLGGRPTYEEYL
GTEYVTAIANLKKCS
;
A
2 'polypeptide(L)' LEACAF B
#
# COMPACT_ATOMS: atom_id res chain seq x y z
N TYR A 1 -30.73 -4.98 5.94
CA TYR A 1 -29.38 -4.54 5.77
C TYR A 1 -29.23 -4.97 4.39
N THR A 2 -28.14 -4.56 3.79
CA THR A 2 -28.03 -4.88 2.42
C THR A 2 -26.69 -5.56 2.39
N ARG A 3 -26.47 -6.42 1.43
CA ARG A 3 -25.13 -6.91 1.22
C ARG A 3 -24.15 -5.78 0.88
N VAL A 4 -22.86 -5.99 1.20
CA VAL A 4 -21.83 -5.03 0.83
C VAL A 4 -21.00 -5.66 -0.31
N VAL A 5 -20.76 -4.90 -1.39
CA VAL A 5 -20.09 -5.40 -2.57
C VAL A 5 -18.66 -4.83 -2.43
N TRP A 6 -17.69 -5.71 -2.26
CA TRP A 6 -16.28 -5.35 -2.10
C TRP A 6 -15.68 -5.27 -3.48
N CYS A 7 -14.65 -4.39 -3.70
CA CYS A 7 -14.00 -4.47 -4.98
C CYS A 7 -12.60 -5.04 -4.78
N ALA A 8 -12.32 -6.14 -5.50
CA ALA A 8 -11.02 -6.82 -5.49
C ALA A 8 -10.19 -6.37 -6.69
N VAL A 9 -8.91 -6.12 -6.43
CA VAL A 9 -8.00 -5.62 -7.45
C VAL A 9 -7.19 -6.86 -7.94
N GLY A 10 -7.57 -7.35 -9.13
CA GLY A 10 -6.84 -8.46 -9.79
C GLY A 10 -7.34 -9.81 -9.29
N PRO A 11 -6.87 -10.92 -9.91
CA PRO A 11 -7.48 -12.26 -9.62
C PRO A 11 -7.18 -12.95 -8.28
N GLU A 12 -6.04 -12.58 -7.66
CA GLU A 12 -5.68 -13.12 -6.39
C GLU A 12 -6.59 -12.47 -5.33
N GLU A 13 -6.75 -11.14 -5.42
CA GLU A 13 -7.70 -10.51 -4.52
C GLU A 13 -9.10 -11.13 -4.73
N GLN A 14 -9.47 -11.34 -6.00
CA GLN A 14 -10.83 -11.81 -6.29
C GLN A 14 -11.00 -13.17 -5.65
N LYS A 15 -9.98 -14.04 -5.76
CA LYS A 15 -10.12 -15.37 -5.12
C LYS A 15 -10.36 -15.25 -3.59
N LYS A 16 -9.56 -14.41 -2.90
CA LYS A 16 -9.81 -14.13 -1.47
C LYS A 16 -11.17 -13.59 -1.16
N CYS A 17 -11.59 -12.64 -1.97
CA CYS A 17 -12.89 -12.00 -1.80
C CYS A 17 -13.95 -13.07 -1.92
N GLN A 18 -13.73 -13.99 -2.88
CA GLN A 18 -14.83 -14.99 -3.03
C GLN A 18 -14.86 -15.94 -1.82
N GLN A 19 -13.72 -16.24 -1.22
CA GLN A 19 -13.78 -17.06 -0.03
C GLN A 19 -14.43 -16.31 1.14
N TRP A 20 -14.03 -15.07 1.35
CA TRP A 20 -14.77 -14.22 2.30
C TRP A 20 -16.26 -14.18 2.02
N SER A 21 -16.66 -14.06 0.77
CA SER A 21 -18.13 -13.89 0.47
C SER A 21 -18.88 -15.18 0.91
N GLN A 22 -18.28 -16.29 0.57
CA GLN A 22 -18.84 -17.63 0.91
C GLN A 22 -18.92 -17.79 2.43
N GLN A 23 -17.85 -17.45 3.14
CA GLN A 23 -17.84 -17.53 4.57
C GLN A 23 -18.81 -16.54 5.28
N SER A 24 -19.04 -15.36 4.69
CA SER A 24 -19.95 -14.35 5.26
C SER A 24 -21.43 -14.62 4.91
N GLY A 25 -21.74 -15.73 4.25
CA GLY A 25 -23.13 -16.11 3.91
C GLY A 25 -23.65 -15.06 2.96
N GLN A 26 -22.74 -14.55 2.13
CA GLN A 26 -23.11 -13.56 1.08
C GLN A 26 -23.48 -12.20 1.65
N ASN A 27 -23.20 -11.92 2.91
CA ASN A 27 -23.26 -10.58 3.43
C ASN A 27 -22.29 -9.64 2.76
N VAL A 28 -21.20 -10.21 2.26
CA VAL A 28 -20.27 -9.53 1.41
C VAL A 28 -20.23 -10.29 0.11
N THR A 29 -20.24 -9.55 -1.01
CA THR A 29 -20.05 -10.11 -2.31
C THR A 29 -18.93 -9.35 -3.01
N CYS A 30 -18.56 -9.77 -4.23
CA CYS A 30 -17.31 -9.33 -4.84
C CYS A 30 -17.53 -8.75 -6.23
N ALA A 31 -16.91 -7.61 -6.52
CA ALA A 31 -16.74 -7.14 -7.86
C ALA A 31 -15.22 -7.16 -8.01
N THR A 32 -14.68 -7.31 -9.23
CA THR A 32 -13.22 -7.31 -9.38
C THR A 32 -12.90 -6.42 -10.57
N ALA A 33 -11.75 -5.75 -10.54
CA ALA A 33 -11.30 -4.94 -11.64
C ALA A 33 -9.78 -5.18 -11.71
N SER A 34 -9.14 -4.69 -12.76
CA SER A 34 -7.75 -4.91 -12.97
C SER A 34 -6.86 -4.01 -12.17
N THR A 35 -7.33 -2.83 -11.79
CA THR A 35 -6.42 -1.91 -11.15
C THR A 35 -7.24 -1.23 -10.06
N THR A 36 -6.52 -0.55 -9.17
CA THR A 36 -7.23 0.15 -8.07
C THR A 36 -8.07 1.29 -8.63
N ASP A 37 -7.55 2.05 -9.60
CA ASP A 37 -8.36 3.16 -10.16
C ASP A 37 -9.64 2.59 -10.78
N ASP A 38 -9.56 1.47 -11.47
CA ASP A 38 -10.82 0.87 -11.92
C ASP A 38 -11.77 0.48 -10.82
N CYS A 39 -11.26 0.02 -9.68
CA CYS A 39 -12.20 -0.31 -8.59
C CYS A 39 -12.85 0.96 -8.12
N ILE A 40 -12.06 2.00 -8.04
CA ILE A 40 -12.57 3.26 -7.59
C ILE A 40 -13.73 3.72 -8.49
N VAL A 41 -13.55 3.58 -9.78
CA VAL A 41 -14.67 3.86 -10.76
C VAL A 41 -15.88 2.95 -10.54
N LEU A 42 -15.70 1.64 -10.25
CA LEU A 42 -16.88 0.77 -9.97
C LEU A 42 -17.63 1.32 -8.74
N VAL A 43 -16.83 1.82 -7.79
CA VAL A 43 -17.49 2.31 -6.55
C VAL A 43 -18.22 3.63 -6.88
N LEU A 44 -17.64 4.51 -7.70
CA LEU A 44 -18.28 5.83 -8.10
C LEU A 44 -19.50 5.52 -8.92
N LYS A 45 -19.49 4.44 -9.71
CA LYS A 45 -20.71 4.06 -10.47
C LYS A 45 -21.80 3.43 -9.61
N GLY A 46 -21.46 3.02 -8.39
CA GLY A 46 -22.34 2.27 -7.51
C GLY A 46 -22.40 0.77 -7.84
N GLU A 47 -21.44 0.30 -8.65
CA GLU A 47 -21.39 -1.13 -9.01
C GLU A 47 -20.52 -1.89 -8.01
N ALA A 48 -19.78 -1.16 -7.16
CA ALA A 48 -19.23 -1.77 -5.98
C ALA A 48 -19.45 -0.81 -4.79
N ASP A 49 -19.34 -1.33 -3.59
CA ASP A 49 -19.49 -0.44 -2.36
C ASP A 49 -18.20 0.15 -1.79
N ALA A 50 -17.14 -0.66 -1.71
CA ALA A 50 -16.00 -0.29 -0.95
C ALA A 50 -14.76 -1.10 -1.33
N LEU A 51 -13.61 -0.56 -0.95
CA LEU A 51 -12.34 -1.32 -0.90
C LEU A 51 -11.41 -0.54 0.03
N ASN A 52 -10.31 -1.18 0.38
CA ASN A 52 -9.41 -0.58 1.33
C ASN A 52 -8.26 -0.03 0.48
N LEU A 53 -7.72 1.14 0.77
CA LEU A 53 -6.92 1.86 -0.21
C LEU A 53 -5.65 2.42 0.47
N ASP A 54 -4.52 2.41 -0.22
CA ASP A 54 -3.36 3.22 0.22
C ASP A 54 -3.74 4.71 0.16
N GLY A 55 -3.04 5.54 0.93
CA GLY A 55 -3.39 6.95 1.05
C GLY A 55 -3.26 7.72 -0.28
N GLY A 56 -2.38 7.28 -1.21
CA GLY A 56 -2.26 7.94 -2.52
C GLY A 56 -3.56 7.67 -3.29
N TYR A 57 -4.12 6.48 -3.09
CA TYR A 57 -5.41 6.17 -3.81
C TYR A 57 -6.60 6.81 -3.11
N ILE A 58 -6.47 6.95 -1.79
CA ILE A 58 -7.52 7.71 -1.06
C ILE A 58 -7.62 9.10 -1.61
N TYR A 59 -6.46 9.74 -1.91
CA TYR A 59 -6.55 11.04 -2.52
C TYR A 59 -7.31 11.05 -3.87
N THR A 60 -7.01 10.06 -4.75
CA THR A 60 -7.74 9.91 -6.03
C THR A 60 -9.24 9.75 -5.76
N ALA A 61 -9.58 8.85 -4.82
CA ALA A 61 -10.98 8.51 -4.55
C ALA A 61 -11.68 9.70 -3.95
N GLY A 62 -10.94 10.42 -3.13
CA GLY A 62 -11.55 11.47 -2.36
C GLY A 62 -11.83 12.67 -3.20
N LYS A 63 -11.01 12.91 -4.21
CA LYS A 63 -11.24 13.95 -5.16
C LYS A 63 -12.53 13.67 -5.91
N CYS A 64 -12.94 12.42 -5.91
CA CYS A 64 -14.11 12.03 -6.69
C CYS A 64 -15.30 11.83 -5.82
N GLY A 65 -15.10 12.11 -4.53
CA GLY A 65 -16.24 12.22 -3.61
C GLY A 65 -16.36 11.01 -2.71
N LEU A 66 -15.45 10.02 -2.77
CA LEU A 66 -15.55 8.88 -1.84
C LEU A 66 -14.93 9.24 -0.53
N VAL A 67 -15.41 8.61 0.54
CA VAL A 67 -15.06 9.02 1.91
C VAL A 67 -14.38 7.88 2.73
N PRO A 68 -13.46 8.24 3.65
CA PRO A 68 -12.88 7.18 4.51
C PRO A 68 -13.92 6.64 5.49
N VAL A 69 -13.89 5.34 5.73
CA VAL A 69 -14.90 4.63 6.57
C VAL A 69 -14.30 4.04 7.88
N LEU A 70 -13.24 3.26 7.75
CA LEU A 70 -12.49 2.61 8.86
C LEU A 70 -11.03 2.58 8.38
N ALA A 71 -10.09 2.58 9.33
CA ALA A 71 -8.69 2.56 8.96
C ALA A 71 -8.03 1.28 9.41
N GLU A 72 -7.04 0.83 8.64
CA GLU A 72 -6.16 -0.26 9.15
C GLU A 72 -5.44 0.16 10.44
N ASN A 73 -5.48 -0.68 11.45
CA ASN A 73 -4.69 -0.45 12.69
C ASN A 73 -3.80 -1.64 12.90
N ARG A 74 -2.49 -1.44 12.95
CA ARG A 74 -1.64 -2.62 13.11
C ARG A 74 -1.29 -2.62 14.61
N LYS A 75 -0.58 -3.62 15.06
CA LYS A 75 -0.08 -3.62 16.44
C LYS A 75 0.57 -2.29 16.87
N SER A 76 0.18 -1.78 18.05
CA SER A 76 0.77 -0.51 18.49
C SER A 76 2.16 -0.72 19.10
N SER A 77 3.05 0.25 18.90
CA SER A 77 4.40 0.21 19.43
C SER A 77 4.37 0.31 20.94
N LYS A 78 3.41 1.08 21.46
CA LYS A 78 3.30 1.44 22.87
C LYS A 78 1.99 0.90 23.42
N HIS A 79 1.94 0.76 24.75
CA HIS A 79 0.79 0.13 25.42
C HIS A 79 -0.48 0.96 25.33
N SER A 80 -1.58 0.23 25.23
CA SER A 80 -2.90 0.81 25.22
C SER A 80 -3.82 -0.26 25.76
N SER A 81 -4.60 0.12 26.76
CA SER A 81 -5.69 -0.72 27.24
C SER A 81 -6.93 -0.71 26.27
N LEU A 82 -7.14 0.39 25.54
CA LEU A 82 -8.24 0.49 24.56
C LEU A 82 -8.36 -0.71 23.58
N ASP A 83 -9.57 -1.07 23.20
CA ASP A 83 -9.76 -2.08 22.15
C ASP A 83 -9.15 -1.50 20.82
N CYS A 84 -8.50 -2.39 20.03
CA CYS A 84 -8.02 -2.10 18.64
C CYS A 84 -8.96 -1.15 17.86
N VAL A 85 -10.28 -1.40 17.94
CA VAL A 85 -11.21 -0.64 17.11
C VAL A 85 -11.29 0.80 17.55
N LEU A 86 -10.96 1.02 18.84
CA LEU A 86 -10.93 2.40 19.37
C LEU A 86 -9.52 3.01 19.54
N ARG A 87 -8.48 2.18 19.50
CA ARG A 87 -7.12 2.67 19.71
C ARG A 87 -6.71 3.56 18.52
N PRO A 88 -6.17 4.77 18.81
CA PRO A 88 -5.83 5.68 17.66
C PRO A 88 -4.75 5.04 16.74
N THR A 89 -4.90 5.21 15.43
CA THR A 89 -3.91 4.73 14.42
C THR A 89 -2.59 5.52 14.52
N GLU A 90 -1.50 4.93 14.05
CA GLU A 90 -0.23 5.61 14.21
C GLU A 90 0.50 6.13 12.94
N GLY A 91 0.23 5.56 11.80
CA GLY A 91 0.91 6.07 10.55
C GLY A 91 2.14 5.19 10.40
N TYR A 92 2.46 4.79 9.18
CA TYR A 92 3.61 3.93 8.97
C TYR A 92 4.74 4.75 8.34
N LEU A 93 5.97 4.21 8.41
CA LEU A 93 7.14 4.97 8.13
C LEU A 93 7.52 4.58 6.67
N ALA A 94 7.45 5.55 5.78
CA ALA A 94 7.91 5.31 4.38
C ALA A 94 9.42 5.31 4.43
N VAL A 95 10.01 4.31 3.82
CA VAL A 95 11.50 4.30 3.83
C VAL A 95 12.03 4.02 2.46
N ALA A 96 13.34 4.28 2.28
CA ALA A 96 14.12 3.94 1.05
C ALA A 96 15.17 2.85 1.52
N VAL A 97 15.10 1.66 0.91
CA VAL A 97 15.86 0.48 1.35
C VAL A 97 16.82 0.09 0.26
N VAL A 98 18.05 -0.21 0.69
CA VAL A 98 19.11 -0.62 -0.25
C VAL A 98 19.79 -1.83 0.29
N LYS A 99 20.68 -2.47 -0.51
CA LYS A 99 21.52 -3.49 0.12
C LYS A 99 22.80 -2.93 0.82
N LYS A 100 23.08 -3.49 1.97
CA LYS A 100 24.31 -3.10 2.72
C LYS A 100 25.51 -3.27 1.79
N ALA A 101 25.50 -4.34 0.96
CA ALA A 101 26.72 -4.58 0.09
C ALA A 101 26.86 -3.52 -1.01
N ASN A 102 25.84 -2.69 -1.24
CA ASN A 102 25.88 -1.72 -2.28
C ASN A 102 26.35 -0.48 -1.55
N GLU A 103 27.65 -0.53 -1.23
CA GLU A 103 28.20 0.44 -0.29
C GLU A 103 28.17 1.90 -0.58
N GLY A 104 28.31 2.27 -1.85
CA GLY A 104 28.36 3.69 -2.16
C GLY A 104 27.03 4.44 -2.21
N LEU A 105 25.91 3.73 -2.14
CA LEU A 105 24.65 4.41 -2.48
C LEU A 105 24.07 5.13 -1.25
N THR A 106 23.73 6.37 -1.41
CA THR A 106 22.98 7.14 -0.45
C THR A 106 21.83 7.85 -1.18
N TRP A 107 21.01 8.53 -0.39
CA TRP A 107 19.98 9.38 -0.91
C TRP A 107 20.48 10.29 -2.00
N ASN A 108 21.69 10.82 -1.84
CA ASN A 108 22.27 11.77 -2.73
C ASN A 108 22.95 11.20 -3.92
N SER A 109 23.07 9.89 -4.02
CA SER A 109 23.54 9.40 -5.31
C SER A 109 22.51 8.49 -5.99
N LEU A 110 21.22 8.68 -5.72
CA LEU A 110 20.17 7.87 -6.43
C LEU A 110 20.02 8.12 -7.93
N LYS A 111 20.38 9.32 -8.40
CA LYS A 111 20.25 9.54 -9.85
C LYS A 111 20.96 8.44 -10.66
N ASP A 112 20.28 8.01 -11.72
CA ASP A 112 20.67 6.97 -12.67
C ASP A 112 20.75 5.56 -12.06
N LYS A 113 20.24 5.35 -10.85
CA LYS A 113 20.19 3.98 -10.37
C LYS A 113 18.87 3.28 -10.73
N LYS A 114 18.71 2.02 -10.34
CA LYS A 114 17.49 1.19 -10.64
C LYS A 114 16.59 1.23 -9.43
N SER A 115 15.26 1.48 -9.62
CA SER A 115 14.45 1.61 -8.43
C SER A 115 13.25 0.67 -8.49
N CYS A 116 12.74 0.32 -7.33
CA CYS A 116 11.58 -0.56 -7.22
C CYS A 116 10.51 0.21 -6.39
N HIS A 117 9.30 0.35 -6.91
CA HIS A 117 8.22 1.13 -6.32
C HIS A 117 7.05 0.28 -6.15
N THR A 118 6.26 0.46 -5.10
CA THR A 118 5.06 -0.39 -4.87
C THR A 118 4.11 -0.27 -6.08
N ALA A 119 3.84 0.97 -6.56
CA ALA A 119 3.09 1.33 -7.79
C ALA A 119 3.03 2.86 -7.88
N VAL A 120 2.84 3.34 -9.08
CA VAL A 120 2.58 4.82 -9.27
C VAL A 120 1.38 5.16 -8.40
N ASP A 121 1.39 6.39 -7.88
CA ASP A 121 0.31 6.95 -7.05
C ASP A 121 0.19 6.42 -5.65
N ARG A 122 1.02 5.45 -5.20
CA ARG A 122 0.90 4.98 -3.80
C ARG A 122 1.81 5.80 -2.89
N THR A 123 1.53 5.87 -1.59
CA THR A 123 2.28 6.78 -0.73
C THR A 123 3.80 6.51 -0.64
N ALA A 124 4.20 5.40 -0.01
CA ALA A 124 5.60 5.18 0.29
C ALA A 124 6.28 4.81 -1.02
N GLY A 125 5.55 4.14 -1.89
CA GLY A 125 6.19 3.66 -3.19
C GLY A 125 6.43 4.75 -4.20
N TRP A 126 5.69 5.88 -4.07
CA TRP A 126 5.70 6.84 -5.17
C TRP A 126 5.57 8.31 -4.77
N ASN A 127 4.47 8.61 -4.09
CA ASN A 127 4.12 10.07 -3.84
C ASN A 127 5.22 10.72 -2.96
N ILE A 128 5.67 9.98 -1.97
CA ILE A 128 6.68 10.56 -1.01
C ILE A 128 8.05 10.64 -1.68
N PRO A 129 8.59 9.50 -2.13
CA PRO A 129 9.92 9.60 -2.79
C PRO A 129 9.98 10.48 -4.04
N MET A 130 8.98 10.38 -4.94
CA MET A 130 9.07 11.17 -6.19
C MET A 130 8.78 12.61 -5.91
N GLY A 131 7.95 12.86 -4.92
CA GLY A 131 7.62 14.28 -4.56
C GLY A 131 8.90 14.93 -4.02
N LEU A 132 9.63 14.18 -3.21
CA LEU A 132 10.92 14.68 -2.60
C LEU A 132 11.93 14.89 -3.72
N ILE A 133 11.99 13.92 -4.62
CA ILE A 133 12.98 13.98 -5.72
C ILE A 133 12.72 15.11 -6.71
N VAL A 134 11.46 15.26 -7.15
CA VAL A 134 11.03 16.46 -7.93
C VAL A 134 11.36 17.78 -7.26
N ASN A 135 11.01 17.92 -5.98
CA ASN A 135 11.36 19.11 -5.24
C ASN A 135 12.87 19.35 -5.16
N GLN A 136 13.64 18.33 -4.79
CA GLN A 136 15.10 18.50 -4.66
C GLN A 136 15.84 18.70 -5.96
N THR A 137 15.37 18.08 -7.03
CA THR A 137 16.02 18.29 -8.32
C THR A 137 15.52 19.58 -9.02
N GLY A 138 14.40 20.14 -8.55
CA GLY A 138 13.73 21.27 -9.22
C GLY A 138 13.28 20.95 -10.66
N SER A 139 12.80 19.73 -10.85
CA SER A 139 12.49 19.23 -12.18
C SER A 139 11.35 18.25 -12.15
N CYS A 140 10.34 18.42 -12.99
CA CYS A 140 9.22 17.44 -13.08
C CYS A 140 9.56 16.20 -13.88
N ALA A 141 10.80 16.14 -14.35
CA ALA A 141 11.20 15.09 -15.27
C ALA A 141 11.52 13.82 -14.44
N PHE A 142 10.62 13.44 -13.51
CA PHE A 142 10.85 12.28 -12.63
C PHE A 142 10.91 10.93 -13.35
N ASP A 143 10.49 10.91 -14.61
CA ASP A 143 10.44 9.70 -15.42
C ASP A 143 11.76 9.36 -15.99
N GLU A 144 12.71 10.27 -15.79
CA GLU A 144 14.05 10.15 -16.31
C GLU A 144 15.12 10.14 -15.21
N PHE A 145 14.72 10.15 -13.94
CA PHE A 145 15.67 10.20 -12.84
C PHE A 145 16.44 8.90 -12.63
N PHE A 146 15.71 7.82 -12.55
CA PHE A 146 16.30 6.52 -12.35
C PHE A 146 16.53 6.04 -13.74
N SER A 147 17.55 5.24 -13.94
CA SER A 147 17.91 4.69 -15.26
C SER A 147 16.81 3.68 -15.68
N GLN A 148 16.37 2.87 -14.72
CA GLN A 148 15.30 1.93 -14.96
C GLN A 148 14.52 1.69 -13.66
N SER A 149 13.24 1.35 -13.77
CA SER A 149 12.50 1.10 -12.54
C SER A 149 11.45 -0.02 -12.76
N CYS A 150 10.89 -0.55 -11.65
CA CYS A 150 9.57 -1.16 -11.77
C CYS A 150 8.64 -0.26 -10.95
N ALA A 151 7.73 0.41 -11.65
CA ALA A 151 6.73 1.29 -11.03
C ALA A 151 5.36 0.92 -11.63
N PRO A 152 4.77 -0.13 -11.08
CA PRO A 152 3.51 -0.61 -11.67
C PRO A 152 2.54 0.54 -11.89
N GLY A 153 1.89 0.48 -13.04
CA GLY A 153 0.89 1.45 -13.44
C GLY A 153 1.55 2.46 -14.44
N ALA A 154 2.88 2.49 -14.58
CA ALA A 154 3.46 3.42 -15.50
C ALA A 154 3.40 2.82 -16.96
N ASP A 155 3.87 3.62 -17.94
CA ASP A 155 3.74 3.08 -19.37
C ASP A 155 4.61 1.79 -19.48
N PRO A 156 4.08 0.63 -19.90
CA PRO A 156 4.91 -0.59 -19.96
C PRO A 156 6.08 -0.53 -20.90
N LYS A 157 6.10 0.40 -21.85
CA LYS A 157 7.29 0.44 -22.67
C LYS A 157 8.33 1.39 -22.17
N SER A 158 8.06 2.04 -21.04
CA SER A 158 8.96 3.14 -20.58
C SER A 158 9.98 2.63 -19.65
N ARG A 159 10.98 3.49 -19.32
CA ARG A 159 11.99 3.06 -18.37
C ARG A 159 11.40 2.78 -16.99
N LEU A 160 10.24 3.39 -16.71
CA LEU A 160 9.67 3.19 -15.34
C LEU A 160 9.07 1.80 -15.16
N CYS A 161 8.93 1.06 -16.24
CA CYS A 161 8.48 -0.30 -16.19
C CYS A 161 9.56 -1.33 -16.58
N ALA A 162 10.76 -0.87 -16.87
CA ALA A 162 11.78 -1.76 -17.47
C ALA A 162 12.12 -2.96 -16.62
N LEU A 163 12.00 -2.84 -15.30
CA LEU A 163 12.40 -3.84 -14.37
C LEU A 163 11.24 -4.67 -13.95
N CYS A 164 10.01 -4.26 -14.27
CA CYS A 164 8.86 -5.11 -13.91
C CYS A 164 8.93 -6.44 -14.67
N ALA A 165 8.34 -7.46 -14.13
CA ALA A 165 8.43 -8.81 -14.65
C ALA A 165 7.15 -9.52 -15.00
N GLY A 166 6.01 -8.96 -14.67
CA GLY A 166 4.76 -9.65 -15.05
C GLY A 166 4.48 -10.91 -14.19
N ASP A 167 3.54 -11.75 -14.66
CA ASP A 167 3.16 -12.93 -13.94
C ASP A 167 4.02 -14.09 -14.38
N ASP A 168 3.63 -15.28 -13.89
CA ASP A 168 4.39 -16.53 -14.06
C ASP A 168 4.76 -16.73 -15.51
N GLN A 169 3.82 -16.46 -16.37
CA GLN A 169 4.05 -16.46 -17.81
C GLN A 169 4.73 -15.26 -18.42
N GLY A 170 5.06 -14.21 -17.67
CA GLY A 170 5.55 -12.97 -18.26
C GLY A 170 4.50 -12.11 -18.94
N LEU A 171 3.21 -12.37 -18.70
CA LEU A 171 2.13 -11.48 -19.17
C LEU A 171 1.94 -10.39 -18.09
N ASP A 172 1.29 -9.32 -18.47
CA ASP A 172 0.80 -8.28 -17.52
C ASP A 172 2.00 -7.58 -16.85
N LYS A 173 3.11 -7.47 -17.58
CA LYS A 173 4.29 -6.77 -17.07
C LYS A 173 3.97 -5.32 -16.68
N CYS A 174 4.13 -5.01 -15.40
CA CYS A 174 3.92 -3.66 -14.89
C CYS A 174 2.47 -3.32 -14.52
N VAL A 175 1.54 -4.26 -14.65
CA VAL A 175 0.19 -3.93 -14.29
C VAL A 175 0.18 -3.72 -12.76
N PRO A 176 -0.66 -2.75 -12.30
CA PRO A 176 -0.60 -2.47 -10.84
C PRO A 176 -1.61 -3.35 -10.05
N ASN A 177 -1.33 -4.65 -10.04
CA ASN A 177 -2.04 -5.58 -9.20
C ASN A 177 -1.10 -6.78 -8.87
N SER A 178 -1.50 -7.66 -7.95
CA SER A 178 -0.55 -8.65 -7.40
C SER A 178 -0.11 -9.69 -8.44
N LYS A 179 -0.64 -9.68 -9.66
CA LYS A 179 -0.15 -10.58 -10.72
C LYS A 179 1.30 -10.23 -11.08
N GLU A 180 1.61 -8.94 -11.06
CA GLU A 180 2.95 -8.43 -11.37
C GLU A 180 3.89 -8.81 -10.20
N LYS A 181 4.96 -9.50 -10.50
CA LYS A 181 5.88 -10.09 -9.51
C LYS A 181 6.41 -9.05 -8.53
N TYR A 182 6.68 -7.87 -9.05
CA TYR A 182 7.22 -6.80 -8.19
C TYR A 182 6.22 -5.77 -7.70
N TYR A 183 4.94 -6.12 -7.72
CA TYR A 183 3.90 -5.14 -7.31
C TYR A 183 3.80 -5.05 -5.77
N GLY A 184 3.48 -3.83 -5.27
CA GLY A 184 3.07 -3.71 -3.84
C GLY A 184 4.27 -3.66 -2.91
N TYR A 185 4.01 -3.57 -1.61
CA TYR A 185 5.16 -3.54 -0.67
C TYR A 185 6.06 -4.77 -0.82
N THR A 186 5.45 -5.94 -0.90
CA THR A 186 6.30 -7.17 -0.88
C THR A 186 6.99 -7.34 -2.23
N GLY A 187 6.32 -6.94 -3.31
CA GLY A 187 6.93 -7.10 -4.70
C GLY A 187 8.05 -6.07 -4.91
N ALA A 188 7.90 -4.84 -4.36
CA ALA A 188 9.00 -3.90 -4.48
C ALA A 188 10.17 -4.32 -3.61
N PHE A 189 9.88 -4.86 -2.44
CA PHE A 189 11.01 -5.29 -1.56
C PHE A 189 11.68 -6.56 -2.23
N ARG A 190 10.89 -7.42 -2.85
CA ARG A 190 11.51 -8.58 -3.60
C ARG A 190 12.41 -8.06 -4.77
N CYS A 191 11.96 -7.05 -5.47
CA CYS A 191 12.76 -6.41 -6.56
C CYS A 191 14.13 -5.99 -6.01
N LEU A 192 14.15 -5.45 -4.80
CA LEU A 192 15.47 -5.09 -4.21
C LEU A 192 16.17 -6.37 -3.76
N ALA A 193 15.46 -7.28 -3.11
CA ALA A 193 16.11 -8.51 -2.53
C ALA A 193 16.84 -9.28 -3.61
N GLU A 194 16.25 -9.31 -4.80
CA GLU A 194 16.81 -10.11 -5.90
C GLU A 194 17.81 -9.27 -6.67
N ASP A 195 18.08 -8.03 -6.26
CA ASP A 195 19.03 -7.09 -6.95
C ASP A 195 18.60 -6.73 -8.39
N VAL A 196 17.32 -6.77 -8.63
CA VAL A 196 16.75 -6.23 -9.85
C VAL A 196 16.85 -4.73 -9.78
N GLY A 197 16.57 -4.18 -8.59
CA GLY A 197 16.73 -2.71 -8.32
C GLY A 197 17.92 -2.51 -7.37
N ASP A 198 18.43 -1.27 -7.36
CA ASP A 198 19.30 -0.75 -6.29
C ASP A 198 18.56 -0.23 -5.03
N VAL A 199 17.29 0.21 -5.20
CA VAL A 199 16.56 0.88 -4.08
C VAL A 199 15.09 0.44 -4.15
N ALA A 200 14.45 0.18 -2.99
CA ALA A 200 13.05 -0.10 -3.00
C ALA A 200 12.43 1.00 -2.09
N PHE A 201 11.34 1.54 -2.61
CA PHE A 201 10.51 2.44 -1.78
C PHE A 201 9.32 1.74 -1.22
N VAL A 202 9.41 1.41 0.06
CA VAL A 202 8.40 0.60 0.80
C VAL A 202 8.31 1.17 2.17
N LYS A 203 7.57 0.51 3.07
CA LYS A 203 7.56 0.98 4.47
C LYS A 203 8.40 0.11 5.39
N ASN A 204 8.62 0.61 6.60
CA ASN A 204 9.55 -0.05 7.53
C ASN A 204 9.01 -1.41 7.77
N ASP A 205 7.72 -1.57 7.92
CA ASP A 205 7.22 -2.91 8.32
C ASP A 205 7.61 -3.97 7.30
N THR A 206 7.55 -3.57 6.03
CA THR A 206 7.92 -4.49 4.91
C THR A 206 9.26 -5.23 5.16
N VAL A 207 10.28 -4.48 5.56
CA VAL A 207 11.59 -5.06 5.67
C VAL A 207 11.58 -6.11 6.74
N TRP A 208 10.99 -5.78 7.92
CA TRP A 208 10.89 -6.69 9.08
C TRP A 208 10.07 -7.92 8.82
N GLU A 209 8.97 -7.78 8.06
CA GLU A 209 8.08 -8.90 7.84
C GLU A 209 8.58 -9.88 6.77
N ASN A 210 9.63 -9.47 6.01
CA ASN A 210 10.10 -10.30 4.90
C ASN A 210 11.56 -10.75 5.08
N THR A 211 12.02 -10.68 6.30
CA THR A 211 13.44 -11.00 6.66
C THR A 211 13.51 -11.93 7.91
N ASN A 212 14.61 -12.69 8.06
CA ASN A 212 14.92 -13.38 9.38
C ASN A 212 13.80 -14.31 9.74
N GLY A 213 13.28 -14.91 8.71
CA GLY A 213 12.35 -16.02 8.86
C GLY A 213 10.92 -15.59 9.01
N GLU A 214 10.67 -14.27 9.08
CA GLU A 214 9.28 -13.79 9.30
C GLU A 214 8.43 -14.13 8.10
N SER A 215 9.07 -14.23 6.93
CA SER A 215 8.35 -14.84 5.80
C SER A 215 8.98 -16.17 5.40
N THR A 216 8.14 -17.15 5.04
CA THR A 216 8.66 -18.46 4.60
C THR A 216 8.57 -18.53 3.11
N ALA A 217 8.04 -17.47 2.49
CA ALA A 217 8.01 -17.34 1.01
C ALA A 217 9.36 -17.75 0.46
N ASP A 218 9.34 -18.53 -0.62
CA ASP A 218 10.61 -18.90 -1.20
C ASP A 218 11.64 -17.77 -1.40
N TRP A 219 11.28 -16.63 -2.01
CA TRP A 219 12.26 -15.55 -2.23
C TRP A 219 12.71 -14.86 -0.93
N ALA A 220 11.90 -14.93 0.11
CA ALA A 220 12.21 -14.15 1.33
C ALA A 220 12.84 -15.00 2.46
N LYS A 221 12.66 -16.32 2.30
CA LYS A 221 12.71 -17.19 3.44
C LYS A 221 14.10 -17.16 3.94
N ASN A 222 15.03 -16.72 3.11
CA ASN A 222 16.37 -16.79 3.52
C ASN A 222 17.07 -15.37 3.54
N LEU A 223 16.28 -14.25 3.65
CA LEU A 223 16.85 -12.88 3.69
C LEU A 223 17.21 -12.45 5.11
N LYS A 224 18.33 -11.75 5.27
CA LYS A 224 18.79 -11.31 6.60
C LYS A 224 18.72 -9.81 6.64
N ARG A 225 18.06 -9.33 7.68
CA ARG A 225 17.91 -7.94 7.94
C ARG A 225 19.19 -7.10 7.90
N GLU A 226 20.31 -7.68 8.34
CA GLU A 226 21.56 -7.03 8.40
C GLU A 226 22.08 -6.76 7.01
N ASP A 227 21.53 -7.45 6.02
CA ASP A 227 22.00 -7.20 4.67
C ASP A 227 21.37 -5.97 4.04
N PHE A 228 20.48 -5.30 4.79
CA PHE A 228 19.83 -4.16 4.28
C PHE A 228 20.16 -2.90 5.06
N ARG A 229 20.10 -1.76 4.37
CA ARG A 229 20.21 -0.46 5.03
C ARG A 229 19.09 0.49 4.55
N LEU A 230 18.76 1.46 5.40
CA LEU A 230 17.82 2.54 5.05
C LEU A 230 18.63 3.74 4.62
N LEU A 231 18.13 4.45 3.62
CA LEU A 231 18.69 5.74 3.18
C LEU A 231 17.97 6.86 3.94
N CYS A 232 18.75 7.72 4.61
CA CYS A 232 18.19 8.84 5.33
C CYS A 232 18.30 10.07 4.46
N LEU A 233 17.43 11.05 4.69
CA LEU A 233 17.45 12.24 3.85
C LEU A 233 18.71 13.07 4.06
N ASP A 234 19.37 12.92 5.22
CA ASP A 234 20.68 13.70 5.38
C ASP A 234 21.85 13.04 4.68
N GLY A 235 21.62 11.98 3.93
CA GLY A 235 22.68 11.43 3.13
C GLY A 235 23.38 10.24 3.77
N THR A 236 23.03 9.92 5.03
CA THR A 236 23.58 8.78 5.79
C THR A 236 22.83 7.47 5.54
N ARG A 237 23.45 6.35 5.87
CA ARG A 237 22.84 5.02 5.72
C ARG A 237 22.70 4.41 7.13
N LYS A 238 21.54 3.82 7.43
CA LYS A 238 21.36 3.25 8.74
C LYS A 238 20.83 1.85 8.68
N PRO A 239 21.08 1.07 9.75
CA PRO A 239 20.44 -0.26 9.95
C PRO A 239 18.92 -0.09 10.03
N VAL A 240 18.22 -1.13 9.66
CA VAL A 240 16.78 -1.02 9.49
C VAL A 240 16.07 -0.98 10.85
N THR A 241 16.82 -1.05 11.95
CA THR A 241 16.28 -0.81 13.31
C THR A 241 16.11 0.69 13.54
N GLU A 242 16.65 1.52 12.66
CA GLU A 242 16.58 2.95 12.92
C GLU A 242 15.52 3.70 12.12
N ALA A 243 14.43 3.05 11.70
CA ALA A 243 13.51 3.75 10.79
C ALA A 243 12.90 5.02 11.44
N GLN A 244 12.81 5.03 12.77
CA GLN A 244 12.16 6.20 13.42
C GLN A 244 13.01 7.42 13.28
N SER A 245 14.30 7.21 13.08
CA SER A 245 15.18 8.35 12.74
C SER A 245 15.74 8.43 11.33
N CYS A 246 15.20 7.60 10.41
CA CYS A 246 15.82 7.56 9.06
C CYS A 246 14.63 7.14 8.15
N HIS A 247 13.61 8.01 8.04
CA HIS A 247 12.47 7.71 7.12
C HIS A 247 12.26 8.91 6.20
N LEU A 248 11.47 8.73 5.14
CA LEU A 248 11.15 9.80 4.24
C LEU A 248 9.88 10.53 4.64
N ALA A 249 8.96 9.86 5.31
CA ALA A 249 7.68 10.49 5.73
C ALA A 249 6.97 9.52 6.62
N VAL A 250 5.98 10.04 7.34
CA VAL A 250 5.05 9.17 8.04
C VAL A 250 3.77 9.24 7.17
N ALA A 251 3.23 8.09 6.83
CA ALA A 251 2.05 7.88 5.95
C ALA A 251 0.83 7.59 6.74
N PRO A 252 -0.37 8.10 6.27
CA PRO A 252 -1.63 7.78 6.83
C PRO A 252 -1.95 6.30 6.55
N ASN A 253 -2.44 5.56 7.50
CA ASN A 253 -2.66 4.15 7.25
C ASN A 253 -3.63 3.95 6.06
N HIS A 254 -3.52 2.80 5.41
CA HIS A 254 -4.49 2.40 4.42
C HIS A 254 -5.86 2.38 5.07
N ALA A 255 -6.91 2.71 4.32
CA ALA A 255 -8.29 2.77 4.91
C ALA A 255 -9.30 2.38 3.87
N VAL A 256 -10.45 1.93 4.36
CA VAL A 256 -11.63 1.62 3.54
C VAL A 256 -12.32 2.93 3.12
N VAL A 257 -12.67 3.00 1.82
CA VAL A 257 -13.45 4.15 1.35
C VAL A 257 -14.74 3.64 0.74
N SER A 258 -15.79 4.47 0.71
CA SER A 258 -17.07 4.10 0.06
C SER A 258 -17.74 5.38 -0.42
N ARG A 259 -18.86 5.27 -1.08
CA ARG A 259 -19.65 6.43 -1.29
C ARG A 259 -20.18 6.90 0.05
N SER A 260 -20.35 8.22 0.19
CA SER A 260 -20.85 8.75 1.41
C SER A 260 -22.18 8.08 1.78
N ASP A 261 -23.02 7.88 0.78
CA ASP A 261 -24.31 7.32 1.00
C ASP A 261 -24.32 5.87 1.54
N ARG A 262 -23.20 5.17 1.39
CA ARG A 262 -23.09 3.79 1.81
C ARG A 262 -22.14 3.59 3.01
N ALA A 263 -21.43 4.64 3.37
CA ALA A 263 -20.46 4.59 4.46
C ALA A 263 -21.00 3.98 5.77
N ALA A 264 -22.16 4.47 6.20
CA ALA A 264 -22.70 3.95 7.45
C ALA A 264 -22.87 2.42 7.40
N HIS A 265 -23.37 1.94 6.29
CA HIS A 265 -23.66 0.55 6.20
C HIS A 265 -22.41 -0.27 5.98
N VAL A 266 -21.52 0.23 5.17
CA VAL A 266 -20.23 -0.44 5.02
C VAL A 266 -19.55 -0.59 6.40
N GLU A 267 -19.60 0.46 7.21
CA GLU A 267 -18.85 0.51 8.46
C GLU A 267 -19.49 -0.57 9.37
N GLN A 268 -20.84 -0.63 9.42
CA GLN A 268 -21.53 -1.60 10.30
C GLN A 268 -21.21 -3.07 9.89
N VAL A 269 -21.19 -3.32 8.60
CA VAL A 269 -20.97 -4.66 8.08
C VAL A 269 -19.54 -5.07 8.40
N LEU A 270 -18.58 -4.17 8.13
CA LEU A 270 -17.18 -4.51 8.36
C LEU A 270 -16.92 -4.74 9.85
N LEU A 271 -17.53 -3.94 10.72
CA LEU A 271 -17.31 -4.15 12.16
C LEU A 271 -17.70 -5.55 12.58
N HIS A 272 -18.77 -6.02 11.98
CA HIS A 272 -19.23 -7.37 12.23
C HIS A 272 -18.39 -8.42 11.56
N GLN A 273 -18.05 -8.20 10.29
CA GLN A 273 -17.26 -9.24 9.57
C GLN A 273 -15.89 -9.42 10.26
N GLN A 274 -15.26 -8.37 10.81
CA GLN A 274 -13.98 -8.58 11.51
C GLN A 274 -14.19 -9.25 12.91
N ALA A 275 -15.35 -9.03 13.53
CA ALA A 275 -15.66 -9.78 14.80
C ALA A 275 -15.62 -11.28 14.51
N LEU A 276 -16.03 -11.69 13.31
CA LEU A 276 -15.95 -13.06 12.86
C LEU A 276 -14.61 -13.51 12.28
N PHE A 277 -14.00 -12.67 11.43
CA PHE A 277 -12.88 -13.18 10.59
C PHE A 277 -11.58 -12.41 10.85
N GLY A 278 -11.61 -11.47 11.76
CA GLY A 278 -10.44 -10.62 12.01
C GLY A 278 -9.43 -11.29 12.93
N LYS A 279 -8.47 -10.51 13.36
CA LYS A 279 -7.44 -11.02 14.26
C LYS A 279 -8.15 -11.46 15.56
N ASN A 280 -7.82 -12.65 16.05
CA ASN A 280 -8.65 -13.43 17.05
C ASN A 280 -10.16 -13.45 16.85
N GLY A 281 -10.66 -13.41 15.61
CA GLY A 281 -12.08 -13.39 15.32
C GLY A 281 -12.68 -14.76 15.61
N LYS A 282 -13.97 -14.77 15.88
CA LYS A 282 -14.65 -16.01 16.33
C LYS A 282 -14.45 -17.19 15.33
N ASN A 283 -14.20 -16.88 14.06
CA ASN A 283 -14.04 -17.88 13.04
C ASN A 283 -12.70 -17.85 12.30
N CYS A 284 -11.72 -17.13 12.84
CA CYS A 284 -10.37 -17.19 12.29
C CYS A 284 -9.52 -17.77 13.39
N PRO A 285 -8.68 -18.78 13.12
CA PRO A 285 -8.26 -19.28 11.81
C PRO A 285 -9.03 -20.50 11.38
N ASP A 286 -9.96 -20.93 12.22
CA ASP A 286 -10.81 -22.06 11.94
C ASP A 286 -11.38 -22.12 10.55
N LYS A 287 -12.09 -21.03 10.18
CA LYS A 287 -12.85 -20.96 8.93
C LYS A 287 -12.26 -19.99 7.89
N PHE A 288 -11.85 -18.76 8.28
CA PHE A 288 -11.37 -17.75 7.29
C PHE A 288 -10.82 -16.56 8.04
N CYS A 289 -9.67 -16.07 7.58
CA CYS A 289 -9.00 -14.94 8.19
C CYS A 289 -8.97 -13.78 7.19
N LEU A 290 -9.65 -12.70 7.54
CA LEU A 290 -9.81 -11.61 6.65
C LEU A 290 -8.45 -10.91 6.46
N PHE A 291 -7.57 -10.99 7.46
CA PHE A 291 -6.30 -10.18 7.42
C PHE A 291 -5.10 -11.10 7.20
N LYS A 292 -5.32 -12.26 6.59
CA LYS A 292 -4.23 -13.13 6.18
C LYS A 292 -4.29 -13.49 4.69
N SER A 293 -3.12 -13.60 4.06
CA SER A 293 -3.10 -14.04 2.67
C SER A 293 -1.66 -14.53 2.35
N GLU A 294 -1.11 -15.29 3.27
CA GLU A 294 0.32 -15.71 3.10
C GLU A 294 1.25 -14.58 2.63
N THR A 295 1.26 -13.48 3.37
CA THR A 295 2.22 -12.35 3.11
C THR A 295 1.89 -11.42 1.91
N LYS A 296 0.83 -11.75 1.20
CA LYS A 296 0.66 -11.14 -0.06
C LYS A 296 -0.16 -9.87 0.10
N ASN A 297 -0.63 -9.60 1.32
CA ASN A 297 -1.36 -8.29 1.52
C ASN A 297 -2.50 -8.13 0.53
N LEU A 298 -3.36 -9.14 0.43
CA LEU A 298 -4.50 -9.07 -0.46
C LEU A 298 -5.74 -8.56 0.29
N LEU A 299 -6.38 -7.51 -0.23
CA LEU A 299 -7.55 -6.78 0.31
C LEU A 299 -7.15 -5.92 1.47
N PHE A 300 -6.39 -6.47 2.43
CA PHE A 300 -5.87 -5.70 3.54
C PHE A 300 -4.45 -6.09 3.74
N ASN A 301 -3.67 -5.23 4.37
CA ASN A 301 -2.33 -5.65 4.78
C ASN A 301 -2.38 -6.78 5.77
N ASP A 302 -1.52 -7.78 5.55
CA ASP A 302 -1.42 -8.90 6.48
C ASP A 302 -1.08 -8.55 7.93
N ASN A 303 -0.50 -7.39 8.17
CA ASN A 303 -0.20 -6.97 9.52
C ASN A 303 -1.38 -6.20 10.22
N THR A 304 -2.57 -6.18 9.58
CA THR A 304 -3.72 -5.45 10.13
C THR A 304 -4.22 -6.21 11.33
N GLU A 305 -4.22 -5.55 12.48
CA GLU A 305 -4.94 -6.11 13.69
C GLU A 305 -6.47 -5.98 13.65
N CYS A 306 -6.99 -4.83 13.24
CA CYS A 306 -8.43 -4.65 13.05
C CYS A 306 -8.58 -3.41 12.19
N LEU A 307 -9.78 -3.21 11.68
CA LEU A 307 -10.12 -1.93 11.09
C LEU A 307 -10.64 -1.05 12.25
N ALA A 308 -10.12 0.16 12.35
CA ALA A 308 -10.48 1.05 13.45
C ALA A 308 -11.35 2.21 13.07
N LYS A 309 -12.19 2.63 14.01
CA LYS A 309 -13.11 3.72 13.84
C LYS A 309 -12.31 4.97 13.74
N LEU A 310 -12.79 5.92 12.92
CA LEU A 310 -12.00 7.16 12.70
C LEU A 310 -12.52 8.20 13.70
N GLY A 311 -11.63 9.04 14.18
CA GLY A 311 -12.01 10.22 15.01
C GLY A 311 -12.48 11.39 14.16
N GLY A 312 -13.63 11.99 14.55
CA GLY A 312 -14.02 13.27 13.98
C GLY A 312 -14.59 13.17 12.60
N ARG A 313 -15.12 11.98 12.21
CA ARG A 313 -15.82 11.82 10.91
C ARG A 313 -15.03 12.58 9.84
N PRO A 314 -13.75 12.21 9.69
CA PRO A 314 -12.94 13.08 8.85
C PRO A 314 -13.28 13.03 7.38
N THR A 315 -13.07 14.18 6.73
CA THR A 315 -13.08 14.18 5.27
C THR A 315 -11.79 13.45 4.78
N TYR A 316 -11.66 13.27 3.45
CA TYR A 316 -10.49 12.55 3.00
C TYR A 316 -9.23 13.46 3.24
N GLU A 317 -9.43 14.77 3.21
CA GLU A 317 -8.27 15.65 3.47
C GLU A 317 -7.85 15.62 4.85
N GLU A 318 -8.81 15.63 5.73
CA GLU A 318 -8.50 15.54 7.15
C GLU A 318 -7.81 14.23 7.42
N TYR A 319 -8.30 13.16 6.82
CA TYR A 319 -7.73 11.84 7.04
C TYR A 319 -6.28 11.79 6.58
N LEU A 320 -6.03 12.19 5.37
CA LEU A 320 -4.66 12.20 4.84
C LEU A 320 -3.73 13.22 5.53
N GLY A 321 -4.33 14.32 6.03
CA GLY A 321 -3.57 15.43 6.56
C GLY A 321 -3.16 16.45 5.52
N THR A 322 -3.09 17.70 5.99
CA THR A 322 -2.92 18.82 5.09
C THR A 322 -1.59 18.83 4.38
N GLU A 323 -0.55 18.39 5.05
CA GLU A 323 0.76 18.44 4.43
C GLU A 323 0.85 17.42 3.30
N TYR A 324 0.37 16.21 3.57
CA TYR A 324 0.47 15.13 2.58
C TYR A 324 -0.41 15.47 1.38
N VAL A 325 -1.57 16.10 1.62
CA VAL A 325 -2.44 16.51 0.53
C VAL A 325 -1.73 17.49 -0.37
N THR A 326 -1.05 18.44 0.26
CA THR A 326 -0.34 19.47 -0.50
C THR A 326 0.83 18.81 -1.26
N ALA A 327 1.53 17.92 -0.57
CA ALA A 327 2.63 17.18 -1.24
C ALA A 327 2.12 16.45 -2.51
N ILE A 328 0.97 15.77 -2.43
CA ILE A 328 0.49 15.11 -3.60
C ILE A 328 0.12 16.16 -4.71
N ALA A 329 -0.65 17.18 -4.34
CA ALA A 329 -1.10 18.22 -5.28
C ALA A 329 0.13 18.78 -6.06
N ASN A 330 1.18 19.09 -5.31
CA ASN A 330 2.44 19.61 -5.91
C ASN A 330 3.06 18.62 -6.86
N LEU A 331 3.09 17.35 -6.46
CA LEU A 331 3.69 16.38 -7.34
C LEU A 331 2.78 16.26 -8.58
N LYS A 332 1.48 16.37 -8.40
CA LYS A 332 0.54 16.00 -9.48
C LYS A 332 0.53 17.11 -10.56
N LYS A 333 1.00 18.26 -10.16
CA LYS A 333 1.29 19.39 -11.04
C LYS A 333 2.26 18.95 -12.15
N CYS A 334 3.16 18.03 -11.85
CA CYS A 334 4.03 17.52 -12.91
C CYS A 334 3.38 16.78 -14.09
N SER A 335 2.15 16.28 -13.91
CA SER A 335 1.53 15.47 -14.97
C SER A 335 0.39 16.21 -15.72
N LEU B 1 -4.83 21.08 -9.07
CA LEU B 1 -5.19 20.50 -7.78
C LEU B 1 -6.70 20.53 -7.58
N GLU B 2 -7.45 20.37 -8.67
CA GLU B 2 -8.93 20.37 -8.61
C GLU B 2 -9.63 18.99 -8.85
N ALA B 3 -10.51 18.97 -9.85
CA ALA B 3 -11.53 17.92 -10.15
C ALA B 3 -11.21 16.39 -10.04
N CYS B 4 -12.28 15.58 -10.10
CA CYS B 4 -12.16 14.11 -10.15
C CYS B 4 -11.39 13.76 -11.45
N ALA B 5 -10.48 12.80 -11.31
CA ALA B 5 -9.69 12.29 -12.42
C ALA B 5 -10.52 11.51 -13.44
N PHE B 6 -11.73 11.10 -13.08
CA PHE B 6 -12.52 10.34 -14.04
C PHE B 6 -13.72 11.13 -14.60
#